data_3LDV
#
_entry.id   3LDV
#
_cell.length_a   47.300
_cell.length_b   94.675
_cell.length_c   99.183
_cell.angle_alpha   90.00
_cell.angle_beta   90.00
_cell.angle_gamma   90.00
#
_symmetry.space_group_name_H-M   'P 21 21 21'
#
loop_
_entity.id
_entity.type
_entity.pdbx_description
1 polymer "Orotidine 5'-phosphate decarboxylase"
2 non-polymer 'MAGNESIUM ION'
3 non-polymer 'CHLORIDE ION'
4 water water
#
_entity_poly.entity_id   1
_entity_poly.type   'polypeptide(L)'
_entity_poly.pdbx_seq_one_letter_code
;MHHHHHHSSGVDLGTENLYFQSNAMNDPKVIVALDYDNLADALAFVDKIDPSTCRLKVGKEMFTLFGPDFVRELHKRGFS
VFLDLKFHDIPNTCSKAVKAAAELGVWMVNVHASGGERMMAASREILEPYGKERPLLIGVTVLTSMESADLQGIGILSAP
QDHVLRLATLTKNAGLDGVVCSAQEASLLKQHLGREFKLVTPGIRPAGSEQGDQRRIMTPAQAIASGSDYLVIGRPITQA
AHPEVVLEEINSSLV
;
_entity_poly.pdbx_strand_id   A,B
#
loop_
_chem_comp.id
_chem_comp.type
_chem_comp.name
_chem_comp.formula
CL non-polymer 'CHLORIDE ION' 'Cl -1'
MG non-polymer 'MAGNESIUM ION' 'Mg 2'
#
# COMPACT_ATOMS: atom_id res chain seq x y z
N ALA A 24 -1.05 -33.05 3.11
CA ALA A 24 -2.54 -33.14 3.12
C ALA A 24 -3.13 -32.53 4.38
N MET A 25 -2.59 -31.38 4.80
CA MET A 25 -3.08 -30.70 5.98
C MET A 25 -4.34 -29.91 5.61
N ASN A 26 -5.03 -29.41 6.62
CA ASN A 26 -6.25 -28.65 6.40
C ASN A 26 -5.97 -27.35 5.63
N ASP A 27 -6.79 -27.08 4.63
CA ASP A 27 -6.58 -25.90 3.79
C ASP A 27 -7.91 -25.23 3.48
N PRO A 28 -8.48 -24.50 4.45
CA PRO A 28 -9.73 -23.79 4.21
C PRO A 28 -9.61 -22.84 3.02
N LYS A 29 -10.57 -22.91 2.11
CA LYS A 29 -10.52 -22.11 0.89
C LYS A 29 -11.14 -20.73 0.96
N VAL A 30 -11.98 -20.51 1.97
CA VAL A 30 -12.61 -19.19 2.15
C VAL A 30 -11.80 -18.25 3.08
N ILE A 31 -11.48 -17.08 2.55
CA ILE A 31 -10.80 -16.03 3.32
C ILE A 31 -11.85 -14.94 3.59
N VAL A 32 -12.18 -14.72 4.88
CA VAL A 32 -13.20 -13.77 5.22
C VAL A 32 -12.58 -12.38 5.37
N ALA A 33 -13.14 -11.40 4.67
CA ALA A 33 -12.62 -10.04 4.69
C ALA A 33 -13.10 -9.32 5.95
N LEU A 34 -12.16 -8.85 6.77
CA LEU A 34 -12.47 -8.10 7.99
C LEU A 34 -12.24 -6.63 7.68
N ASP A 35 -13.34 -5.88 7.54
CA ASP A 35 -13.27 -4.47 7.19
C ASP A 35 -14.08 -3.65 8.18
N TYR A 36 -13.75 -3.83 9.46
CA TYR A 36 -14.42 -3.16 10.57
C TYR A 36 -13.68 -1.91 10.97
N ASP A 37 -14.41 -0.86 11.34
CA ASP A 37 -13.78 0.37 11.81
C ASP A 37 -13.75 0.39 13.35
N ASN A 38 -14.18 -0.73 13.94
N ASN A 38 -14.18 -0.72 13.94
CA ASN A 38 -14.25 -0.89 15.40
CA ASN A 38 -14.18 -0.87 15.37
C ASN A 38 -13.67 -2.26 15.78
C ASN A 38 -13.66 -2.26 15.76
N LEU A 39 -12.70 -2.26 16.68
CA LEU A 39 -12.04 -3.47 17.11
C LEU A 39 -12.98 -4.46 17.82
N ALA A 40 -13.84 -3.96 18.70
CA ALA A 40 -14.75 -4.84 19.39
C ALA A 40 -15.71 -5.58 18.45
N ASP A 41 -16.23 -4.89 17.42
CA ASP A 41 -17.12 -5.53 16.47
C ASP A 41 -16.37 -6.63 15.72
N ALA A 42 -15.13 -6.34 15.38
CA ALA A 42 -14.32 -7.29 14.62
C ALA A 42 -14.10 -8.56 15.43
N LEU A 43 -13.71 -8.41 16.69
CA LEU A 43 -13.43 -9.57 17.54
C LEU A 43 -14.70 -10.33 17.91
N ALA A 44 -15.82 -9.60 18.04
CA ALA A 44 -17.12 -10.21 18.30
C ALA A 44 -17.49 -11.12 17.13
N PHE A 45 -17.19 -10.68 15.90
CA PHE A 45 -17.41 -11.53 14.74
C PHE A 45 -16.50 -12.77 14.75
N VAL A 46 -15.20 -12.59 14.98
CA VAL A 46 -14.26 -13.71 14.96
C VAL A 46 -14.64 -14.76 16.02
N ASP A 47 -15.22 -14.31 17.14
CA ASP A 47 -15.68 -15.22 18.21
C ASP A 47 -16.73 -16.21 17.69
N LYS A 48 -17.40 -15.86 16.59
CA LYS A 48 -18.49 -16.67 16.07
C LYS A 48 -18.06 -17.75 15.10
N ILE A 49 -16.80 -17.72 14.68
CA ILE A 49 -16.34 -18.65 13.67
C ILE A 49 -15.13 -19.45 14.17
N ASP A 50 -14.77 -20.49 13.43
CA ASP A 50 -13.70 -21.38 13.84
C ASP A 50 -12.51 -21.31 12.91
N PRO A 51 -11.30 -21.32 13.48
CA PRO A 51 -10.11 -21.23 12.65
C PRO A 51 -9.92 -22.43 11.73
N SER A 52 -10.55 -23.55 12.04
CA SER A 52 -10.44 -24.74 11.22
C SER A 52 -11.26 -24.65 9.93
N THR A 53 -12.15 -23.67 9.84
CA THR A 53 -13.08 -23.55 8.72
C THR A 53 -12.90 -22.34 7.78
N CYS A 54 -11.94 -21.46 8.09
CA CYS A 54 -11.69 -20.33 7.22
C CYS A 54 -10.40 -19.65 7.60
N ARG A 55 -10.04 -18.67 6.78
CA ARG A 55 -8.89 -17.83 7.00
C ARG A 55 -9.45 -16.40 7.01
N LEU A 56 -8.63 -15.44 7.42
CA LEU A 56 -9.08 -14.06 7.57
C LEU A 56 -8.21 -13.11 6.76
N LYS A 57 -8.84 -12.08 6.21
CA LYS A 57 -8.11 -11.03 5.52
C LYS A 57 -8.16 -9.72 6.28
N VAL A 58 -6.98 -9.15 6.53
CA VAL A 58 -6.83 -7.84 7.16
C VAL A 58 -6.26 -6.89 6.10
N GLY A 59 -7.01 -5.84 5.78
CA GLY A 59 -6.64 -4.87 4.75
C GLY A 59 -6.13 -3.55 5.28
N LYS A 60 -5.99 -2.59 4.36
CA LYS A 60 -5.45 -1.28 4.69
C LYS A 60 -6.27 -0.56 5.77
N GLU A 61 -7.58 -0.75 5.77
CA GLU A 61 -8.39 -0.06 6.75
C GLU A 61 -8.11 -0.53 8.16
N MET A 62 -8.29 -1.83 8.42
CA MET A 62 -8.10 -2.34 9.77
C MET A 62 -6.64 -2.26 10.18
N PHE A 63 -5.71 -2.40 9.24
CA PHE A 63 -4.32 -2.33 9.64
C PHE A 63 -3.91 -0.91 10.02
N THR A 64 -4.39 0.09 9.27
CA THR A 64 -4.05 1.48 9.57
C THR A 64 -4.69 1.90 10.88
N LEU A 65 -5.88 1.38 11.16
CA LEU A 65 -6.55 1.66 12.44
C LEU A 65 -5.97 0.91 13.65
N PHE A 66 -5.68 -0.38 13.47
CA PHE A 66 -5.33 -1.26 14.58
C PHE A 66 -3.97 -1.95 14.57
N GLY A 67 -3.28 -1.94 13.44
CA GLY A 67 -1.91 -2.38 13.41
C GLY A 67 -1.63 -3.83 13.63
N PRO A 68 -0.35 -4.15 13.83
CA PRO A 68 0.08 -5.52 13.98
C PRO A 68 -0.48 -6.19 15.24
N ASP A 69 -0.84 -5.43 16.26
CA ASP A 69 -1.42 -6.03 17.45
C ASP A 69 -2.73 -6.76 17.14
N PHE A 70 -3.53 -6.21 16.23
CA PHE A 70 -4.76 -6.87 15.82
C PHE A 70 -4.44 -8.19 15.13
N VAL A 71 -3.47 -8.16 14.23
CA VAL A 71 -3.08 -9.39 13.55
C VAL A 71 -2.60 -10.42 14.58
N ARG A 72 -1.80 -9.99 15.53
CA ARG A 72 -1.32 -10.89 16.58
C ARG A 72 -2.46 -11.53 17.35
N GLU A 73 -3.54 -10.78 17.58
CA GLU A 73 -4.70 -11.32 18.30
C GLU A 73 -5.39 -12.42 17.49
N LEU A 74 -5.45 -12.23 16.18
CA LEU A 74 -6.04 -13.22 15.31
C LEU A 74 -5.15 -14.47 15.31
N HIS A 75 -3.83 -14.27 15.29
CA HIS A 75 -2.92 -15.42 15.36
C HIS A 75 -3.07 -16.19 16.69
N LYS A 76 -3.21 -15.45 17.79
CA LYS A 76 -3.39 -16.05 19.10
C LYS A 76 -4.63 -16.92 19.12
N ARG A 77 -5.66 -16.51 18.37
CA ARG A 77 -6.92 -17.25 18.26
C ARG A 77 -6.81 -18.45 17.30
N GLY A 78 -5.65 -18.58 16.66
CA GLY A 78 -5.35 -19.71 15.77
C GLY A 78 -5.70 -19.51 14.30
N PHE A 79 -6.05 -18.28 13.92
CA PHE A 79 -6.40 -18.03 12.52
C PHE A 79 -5.20 -17.73 11.65
N SER A 80 -5.25 -18.17 10.40
CA SER A 80 -4.29 -17.73 9.42
C SER A 80 -4.83 -16.43 8.80
N VAL A 81 -3.91 -15.54 8.48
CA VAL A 81 -4.21 -14.21 8.01
C VAL A 81 -3.55 -13.87 6.68
N PHE A 82 -4.37 -13.33 5.77
CA PHE A 82 -3.91 -12.76 4.52
C PHE A 82 -3.81 -11.26 4.81
N LEU A 83 -2.58 -10.74 4.85
CA LEU A 83 -2.34 -9.32 5.11
C LEU A 83 -2.38 -8.62 3.75
N ASP A 84 -3.49 -7.97 3.48
CA ASP A 84 -3.81 -7.36 2.19
C ASP A 84 -3.46 -5.88 2.18
N LEU A 85 -2.17 -5.58 2.14
CA LEU A 85 -1.71 -4.20 2.16
C LEU A 85 -1.18 -3.72 0.81
N LYS A 86 -1.09 -4.61 -0.18
CA LYS A 86 -0.74 -4.25 -1.53
C LYS A 86 0.45 -3.29 -1.57
N PHE A 87 1.55 -3.72 -0.97
CA PHE A 87 2.73 -2.89 -0.92
C PHE A 87 3.17 -2.53 -2.32
N HIS A 88 3.60 -1.28 -2.49
CA HIS A 88 3.98 -0.74 -3.80
C HIS A 88 4.98 0.40 -3.58
N ASP A 89 6.27 0.08 -3.63
CA ASP A 89 7.29 1.06 -3.34
C ASP A 89 8.56 0.63 -4.03
N ILE A 90 9.64 1.39 -3.83
CA ILE A 90 10.95 1.00 -4.38
C ILE A 90 11.32 -0.36 -3.78
N PRO A 91 12.13 -1.14 -4.50
CA PRO A 91 12.45 -2.49 -4.02
C PRO A 91 12.96 -2.60 -2.59
N ASN A 92 13.84 -1.72 -2.15
CA ASN A 92 14.35 -1.81 -0.79
C ASN A 92 13.23 -1.67 0.25
N THR A 93 12.37 -0.67 0.06
CA THR A 93 11.28 -0.37 0.98
C THR A 93 10.19 -1.44 0.95
N CYS A 94 9.80 -1.86 -0.25
CA CYS A 94 8.79 -2.90 -0.39
C CYS A 94 9.28 -4.19 0.25
N SER A 95 10.54 -4.57 -0.01
CA SER A 95 11.08 -5.80 0.59
C SER A 95 11.12 -5.74 2.15
N LYS A 96 11.47 -4.58 2.71
CA LYS A 96 11.49 -4.45 4.16
C LYS A 96 10.08 -4.47 4.76
N ALA A 97 9.09 -3.99 4.01
CA ALA A 97 7.72 -4.09 4.47
C ALA A 97 7.25 -5.56 4.44
N VAL A 98 7.65 -6.30 3.40
CA VAL A 98 7.31 -7.72 3.28
C VAL A 98 8.02 -8.51 4.40
N LYS A 99 9.27 -8.14 4.70
CA LYS A 99 10.01 -8.73 5.81
C LYS A 99 9.25 -8.49 7.10
N ALA A 100 8.74 -7.27 7.29
CA ALA A 100 7.97 -6.99 8.48
C ALA A 100 6.71 -7.89 8.57
N ALA A 101 6.07 -8.16 7.43
CA ALA A 101 4.94 -9.10 7.40
C ALA A 101 5.36 -10.50 7.84
N ALA A 102 6.56 -10.92 7.44
CA ALA A 102 7.10 -12.20 7.84
C ALA A 102 7.42 -12.22 9.35
N GLU A 103 7.91 -11.10 9.87
CA GLU A 103 8.18 -10.98 11.30
C GLU A 103 6.87 -11.15 12.11
N LEU A 104 5.78 -10.70 11.51
CA LEU A 104 4.47 -10.78 12.13
C LEU A 104 3.89 -12.20 12.02
N GLY A 105 4.48 -13.03 11.15
CA GLY A 105 4.07 -14.43 11.01
C GLY A 105 2.82 -14.68 10.16
N VAL A 106 2.52 -13.79 9.24
CA VAL A 106 1.32 -13.95 8.39
C VAL A 106 1.46 -15.06 7.33
N TRP A 107 0.30 -15.62 7.01
CA TRP A 107 0.18 -16.70 6.04
C TRP A 107 0.33 -16.23 4.60
N MET A 108 -0.13 -15.01 4.30
CA MET A 108 -0.08 -14.48 2.94
C MET A 108 0.04 -12.98 2.98
N VAL A 109 0.78 -12.43 2.05
CA VAL A 109 0.92 -10.98 1.91
C VAL A 109 1.00 -10.66 0.43
N ASN A 110 0.50 -9.48 0.07
CA ASN A 110 0.48 -9.08 -1.33
C ASN A 110 1.25 -7.79 -1.63
N VAL A 111 1.59 -7.67 -2.91
CA VAL A 111 2.29 -6.52 -3.47
C VAL A 111 1.71 -6.18 -4.85
N HIS A 112 1.85 -4.93 -5.27
CA HIS A 112 1.44 -4.55 -6.61
C HIS A 112 2.42 -5.03 -7.67
N ALA A 113 1.95 -5.80 -8.65
CA ALA A 113 2.82 -6.17 -9.76
C ALA A 113 3.32 -4.94 -10.53
N SER A 114 2.53 -3.86 -10.51
N SER A 114 2.54 -3.85 -10.53
CA SER A 114 2.90 -2.60 -11.18
CA SER A 114 2.94 -2.63 -11.22
C SER A 114 4.14 -1.98 -10.57
C SER A 114 4.14 -1.95 -10.56
N GLY A 115 4.56 -2.48 -9.41
CA GLY A 115 5.78 -2.03 -8.76
C GLY A 115 6.99 -2.54 -9.56
N GLY A 116 6.76 -3.51 -10.44
CA GLY A 116 7.80 -4.02 -11.32
C GLY A 116 8.52 -5.28 -10.91
N GLU A 117 9.25 -5.90 -11.84
CA GLU A 117 9.90 -7.16 -11.53
C GLU A 117 10.97 -7.10 -10.43
N ARG A 118 11.78 -6.06 -10.41
N ARG A 118 11.79 -6.07 -10.42
CA ARG A 118 12.85 -5.96 -9.41
CA ARG A 118 12.84 -5.94 -9.41
C ARG A 118 12.27 -5.81 -8.01
C ARG A 118 12.25 -5.84 -8.02
N MET A 119 11.19 -5.06 -7.88
CA MET A 119 10.53 -4.88 -6.59
C MET A 119 10.00 -6.24 -6.09
N MET A 120 9.33 -6.96 -6.98
CA MET A 120 8.78 -8.27 -6.62
C MET A 120 9.87 -9.29 -6.29
N ALA A 121 10.92 -9.33 -7.10
CA ALA A 121 12.00 -10.25 -6.86
C ALA A 121 12.71 -9.98 -5.54
N ALA A 122 12.91 -8.71 -5.20
CA ALA A 122 13.57 -8.35 -3.94
C ALA A 122 12.73 -8.79 -2.72
N SER A 123 11.41 -8.70 -2.86
CA SER A 123 10.48 -9.14 -1.81
C SER A 123 10.48 -10.66 -1.63
N ARG A 124 10.61 -11.41 -2.72
CA ARG A 124 10.74 -12.84 -2.62
C ARG A 124 12.05 -13.22 -1.96
N GLU A 125 13.12 -12.55 -2.38
N GLU A 125 13.14 -12.57 -2.37
CA GLU A 125 14.45 -12.85 -1.87
CA GLU A 125 14.45 -12.91 -1.81
C GLU A 125 14.54 -12.67 -0.34
C GLU A 125 14.49 -12.72 -0.31
N ILE A 126 13.93 -11.62 0.18
CA ILE A 126 14.00 -11.31 1.60
C ILE A 126 13.25 -12.30 2.48
N LEU A 127 12.32 -13.04 1.88
CA LEU A 127 11.55 -14.04 2.60
C LEU A 127 12.22 -15.42 2.67
N GLU A 128 13.28 -15.61 1.89
N GLU A 128 13.27 -15.65 1.90
CA GLU A 128 13.99 -16.90 1.81
CA GLU A 128 13.89 -16.97 1.87
C GLU A 128 14.39 -17.45 3.19
C GLU A 128 14.32 -17.47 3.25
N PRO A 129 14.91 -16.59 4.09
CA PRO A 129 15.32 -17.09 5.41
C PRO A 129 14.17 -17.54 6.35
N TYR A 130 12.93 -17.21 6.02
CA TYR A 130 11.79 -17.56 6.86
C TYR A 130 11.31 -19.00 6.69
N GLY A 131 11.94 -19.70 5.77
CA GLY A 131 11.68 -21.11 5.53
C GLY A 131 10.30 -21.47 5.02
N LYS A 132 9.92 -22.73 5.20
CA LYS A 132 8.64 -23.21 4.71
C LYS A 132 7.43 -22.49 5.32
N GLU A 133 7.59 -21.87 6.49
CA GLU A 133 6.49 -21.17 7.13
C GLU A 133 6.37 -19.71 6.66
N ARG A 134 7.20 -19.31 5.71
CA ARG A 134 7.19 -17.93 5.26
C ARG A 134 5.84 -17.56 4.65
N PRO A 135 5.51 -16.26 4.66
CA PRO A 135 4.26 -15.93 3.99
C PRO A 135 4.26 -16.26 2.50
N LEU A 136 3.11 -16.66 2.00
CA LEU A 136 2.88 -16.74 0.57
C LEU A 136 2.91 -15.31 0.05
N LEU A 137 3.63 -15.10 -1.06
CA LEU A 137 3.80 -13.76 -1.64
C LEU A 137 3.04 -13.70 -2.96
N ILE A 138 2.03 -12.83 -3.00
CA ILE A 138 1.06 -12.76 -4.09
C ILE A 138 1.03 -11.40 -4.75
N GLY A 139 0.92 -11.40 -6.08
CA GLY A 139 0.83 -10.16 -6.85
C GLY A 139 -0.60 -9.67 -7.15
N VAL A 140 -0.77 -8.36 -7.17
CA VAL A 140 -2.02 -7.72 -7.58
C VAL A 140 -1.73 -7.20 -8.98
N THR A 141 -2.64 -7.47 -9.92
CA THR A 141 -2.46 -7.07 -11.29
C THR A 141 -3.18 -5.75 -11.53
N VAL A 142 -4.44 -5.82 -11.96
CA VAL A 142 -5.27 -4.65 -12.20
C VAL A 142 -6.38 -4.72 -11.16
N LEU A 143 -6.54 -3.65 -10.38
CA LEU A 143 -7.59 -3.60 -9.38
C LEU A 143 -8.96 -3.86 -10.02
N THR A 144 -9.84 -4.49 -9.28
CA THR A 144 -11.18 -4.86 -9.80
C THR A 144 -12.05 -3.65 -10.15
N SER A 145 -11.76 -2.51 -9.54
CA SER A 145 -12.53 -1.28 -9.79
C SER A 145 -12.16 -0.64 -11.12
N MET A 146 -11.04 -1.04 -11.70
CA MET A 146 -10.55 -0.42 -12.94
C MET A 146 -11.02 -1.06 -14.22
N GLU A 147 -11.49 -0.22 -15.13
N GLU A 147 -11.55 -0.24 -15.13
CA GLU A 147 -11.93 -0.65 -16.44
CA GLU A 147 -11.94 -0.70 -16.45
C GLU A 147 -11.21 0.21 -17.44
C GLU A 147 -11.20 0.18 -17.44
N SER A 148 -11.35 -0.11 -18.72
CA SER A 148 -10.70 0.63 -19.80
C SER A 148 -10.48 2.13 -19.55
N ALA A 149 -11.52 2.86 -19.17
CA ALA A 149 -11.43 4.31 -18.96
C ALA A 149 -10.43 4.69 -17.87
N ASP A 150 -10.47 3.94 -16.79
CA ASP A 150 -9.59 4.20 -15.67
C ASP A 150 -8.14 3.90 -16.06
N LEU A 151 -7.94 2.83 -16.84
CA LEU A 151 -6.61 2.44 -17.29
C LEU A 151 -6.01 3.44 -18.27
N GLN A 152 -6.82 3.93 -19.20
CA GLN A 152 -6.34 4.93 -20.15
C GLN A 152 -5.90 6.17 -19.37
N GLY A 153 -6.62 6.48 -18.29
CA GLY A 153 -6.29 7.62 -17.45
C GLY A 153 -4.92 7.51 -16.79
N ILE A 154 -4.48 6.29 -16.49
CA ILE A 154 -3.15 6.11 -15.89
C ILE A 154 -2.09 5.67 -16.92
N GLY A 155 -2.36 5.89 -18.20
CA GLY A 155 -1.40 5.62 -19.26
C GLY A 155 -1.31 4.21 -19.84
N ILE A 156 -2.27 3.36 -19.52
CA ILE A 156 -2.29 1.99 -20.05
C ILE A 156 -3.29 1.92 -21.22
N LEU A 157 -2.77 1.64 -22.40
CA LEU A 157 -3.58 1.61 -23.64
C LEU A 157 -3.99 0.21 -24.09
N SER A 158 -3.33 -0.81 -23.56
CA SER A 158 -3.64 -2.18 -23.97
C SER A 158 -4.97 -2.64 -23.37
N ALA A 159 -5.58 -3.65 -24.00
CA ALA A 159 -6.85 -4.19 -23.49
C ALA A 159 -6.58 -4.75 -22.10
N PRO A 160 -7.51 -4.50 -21.15
CA PRO A 160 -7.35 -4.94 -19.78
C PRO A 160 -6.96 -6.39 -19.58
N GLN A 161 -7.54 -7.31 -20.37
CA GLN A 161 -7.23 -8.73 -20.20
C GLN A 161 -5.79 -9.03 -20.56
N ASP A 162 -5.30 -8.35 -21.58
CA ASP A 162 -3.92 -8.52 -22.02
C ASP A 162 -2.97 -7.94 -20.98
N HIS A 163 -3.35 -6.81 -20.40
CA HIS A 163 -2.55 -6.15 -19.37
C HIS A 163 -2.53 -6.98 -18.09
N VAL A 164 -3.67 -7.57 -17.72
CA VAL A 164 -3.70 -8.47 -16.60
C VAL A 164 -2.74 -9.61 -16.83
N LEU A 165 -2.77 -10.19 -18.04
CA LEU A 165 -1.90 -11.32 -18.33
C LEU A 165 -0.43 -10.88 -18.27
N ARG A 166 -0.13 -9.67 -18.78
CA ARG A 166 1.25 -9.16 -18.68
C ARG A 166 1.74 -9.10 -17.23
N LEU A 167 0.93 -8.49 -16.36
CA LEU A 167 1.28 -8.34 -14.97
C LEU A 167 1.31 -9.66 -14.20
N ALA A 168 0.40 -10.59 -14.52
CA ALA A 168 0.41 -11.90 -13.86
C ALA A 168 1.67 -12.67 -14.26
N THR A 169 2.07 -12.56 -15.54
CA THR A 169 3.26 -13.22 -16.06
C THR A 169 4.52 -12.62 -15.43
N LEU A 170 4.51 -11.30 -15.25
CA LEU A 170 5.61 -10.58 -14.59
C LEU A 170 5.79 -11.13 -13.16
N THR A 171 4.67 -11.32 -12.48
CA THR A 171 4.67 -11.86 -11.11
C THR A 171 5.27 -13.26 -11.07
N LYS A 172 4.78 -14.12 -11.95
CA LYS A 172 5.29 -15.46 -12.06
C LYS A 172 6.79 -15.44 -12.32
N ASN A 173 7.22 -14.58 -13.26
CA ASN A 173 8.62 -14.58 -13.65
C ASN A 173 9.53 -14.01 -12.58
N ALA A 174 8.95 -13.24 -11.65
CA ALA A 174 9.67 -12.69 -10.51
C ALA A 174 9.73 -13.74 -9.38
N GLY A 175 9.11 -14.90 -9.62
CA GLY A 175 9.16 -16.01 -8.67
C GLY A 175 8.14 -15.96 -7.56
N LEU A 176 7.10 -15.15 -7.69
CA LEU A 176 6.08 -15.07 -6.65
C LEU A 176 5.18 -16.31 -6.67
N ASP A 177 4.37 -16.45 -5.62
CA ASP A 177 3.56 -17.66 -5.41
C ASP A 177 2.23 -17.71 -6.11
N GLY A 178 1.75 -16.56 -6.55
CA GLY A 178 0.44 -16.47 -7.22
C GLY A 178 -0.01 -15.03 -7.37
N VAL A 179 -1.27 -14.86 -7.76
CA VAL A 179 -1.86 -13.56 -7.94
C VAL A 179 -3.31 -13.57 -7.49
N VAL A 180 -3.82 -12.38 -7.24
CA VAL A 180 -5.26 -12.20 -7.08
C VAL A 180 -5.83 -12.14 -8.50
N CYS A 181 -6.93 -12.85 -8.77
CA CYS A 181 -7.49 -12.83 -10.11
C CYS A 181 -8.98 -13.14 -10.07
N SER A 182 -9.68 -12.78 -11.12
CA SER A 182 -11.11 -13.06 -11.15
C SER A 182 -11.37 -14.50 -11.56
N ALA A 183 -12.59 -14.98 -11.33
CA ALA A 183 -12.92 -16.33 -11.70
C ALA A 183 -12.79 -16.51 -13.24
N GLN A 184 -13.08 -15.45 -13.99
CA GLN A 184 -13.00 -15.49 -15.47
C GLN A 184 -11.57 -15.69 -15.98
N GLU A 185 -10.62 -15.18 -15.20
CA GLU A 185 -9.20 -15.21 -15.51
C GLU A 185 -8.50 -16.51 -15.11
N ALA A 186 -9.05 -17.19 -14.10
CA ALA A 186 -8.38 -18.33 -13.47
C ALA A 186 -7.86 -19.45 -14.37
N SER A 187 -8.70 -20.02 -15.23
CA SER A 187 -8.27 -21.17 -16.02
C SER A 187 -7.14 -20.81 -16.98
N LEU A 188 -7.24 -19.64 -17.60
CA LEU A 188 -6.21 -19.23 -18.55
C LEU A 188 -4.90 -18.95 -17.80
N LEU A 189 -4.98 -18.33 -16.63
CA LEU A 189 -3.77 -18.09 -15.86
C LEU A 189 -3.08 -19.41 -15.46
N LYS A 190 -3.84 -20.42 -15.05
CA LYS A 190 -3.22 -21.72 -14.71
C LYS A 190 -2.56 -22.35 -15.93
N GLN A 191 -3.22 -22.20 -17.08
CA GLN A 191 -2.71 -22.71 -18.33
C GLN A 191 -1.37 -22.07 -18.70
N HIS A 192 -1.25 -20.75 -18.59
CA HIS A 192 0.00 -20.06 -18.92
C HIS A 192 1.06 -20.12 -17.84
N LEU A 193 0.63 -20.04 -16.59
CA LEU A 193 1.57 -19.87 -15.50
C LEU A 193 1.83 -21.09 -14.62
N GLY A 194 1.08 -22.16 -14.81
CA GLY A 194 1.32 -23.38 -14.03
C GLY A 194 0.24 -23.74 -13.03
N ARG A 195 0.04 -25.04 -12.87
CA ARG A 195 -0.98 -25.59 -11.98
C ARG A 195 -0.76 -25.23 -10.51
N GLU A 196 0.50 -24.98 -10.14
CA GLU A 196 0.82 -24.66 -8.76
C GLU A 196 0.73 -23.18 -8.45
N PHE A 197 0.62 -22.32 -9.47
CA PHE A 197 0.55 -20.88 -9.24
C PHE A 197 -0.77 -20.59 -8.51
N LYS A 198 -0.69 -19.98 -7.34
CA LYS A 198 -1.88 -19.76 -6.51
C LYS A 198 -2.78 -18.63 -6.97
N LEU A 199 -4.08 -18.91 -7.04
CA LEU A 199 -5.08 -17.97 -7.52
C LEU A 199 -6.06 -17.62 -6.41
N VAL A 200 -6.05 -16.35 -6.03
CA VAL A 200 -6.89 -15.81 -4.94
C VAL A 200 -7.95 -14.94 -5.61
N THR A 201 -9.20 -15.31 -5.43
CA THR A 201 -10.30 -14.73 -6.17
C THR A 201 -11.36 -14.03 -5.33
N PRO A 202 -11.57 -12.75 -5.59
CA PRO A 202 -12.59 -12.00 -4.90
C PRO A 202 -13.91 -11.98 -5.68
N GLY A 203 -14.94 -11.41 -5.08
CA GLY A 203 -16.22 -11.17 -5.76
C GLY A 203 -17.21 -12.30 -5.93
N ILE A 204 -16.94 -13.46 -5.34
CA ILE A 204 -17.86 -14.60 -5.43
C ILE A 204 -18.80 -14.56 -4.21
N ARG A 205 -20.08 -14.82 -4.44
N ARG A 205 -20.09 -14.81 -4.42
CA ARG A 205 -21.09 -14.82 -3.37
CA ARG A 205 -21.03 -14.79 -3.31
C ARG A 205 -21.53 -16.25 -3.05
C ARG A 205 -21.59 -16.18 -3.05
N PRO A 206 -21.88 -16.51 -1.78
CA PRO A 206 -22.37 -17.84 -1.42
C PRO A 206 -23.59 -18.20 -2.25
N ALA A 207 -23.67 -19.44 -2.72
CA ALA A 207 -24.82 -19.89 -3.48
C ALA A 207 -26.08 -19.78 -2.63
N GLY A 208 -25.91 -19.98 -1.32
CA GLY A 208 -27.04 -19.95 -0.38
C GLY A 208 -27.52 -18.57 0.04
N SER A 209 -26.80 -17.52 -0.36
CA SER A 209 -27.16 -16.16 -0.01
C SER A 209 -28.09 -15.54 -1.06
N GLU A 210 -28.60 -14.35 -0.75
CA GLU A 210 -29.45 -13.62 -1.69
C GLU A 210 -28.57 -13.18 -2.84
N GLN A 211 -29.10 -13.26 -4.05
CA GLN A 211 -28.36 -12.93 -5.27
C GLN A 211 -27.19 -13.90 -5.51
N GLY A 212 -27.12 -14.96 -4.71
CA GLY A 212 -26.15 -16.04 -4.90
C GLY A 212 -26.67 -17.04 -5.92
N ASP A 213 -27.97 -16.92 -6.23
CA ASP A 213 -28.63 -17.76 -7.22
C ASP A 213 -28.51 -17.21 -8.65
N GLN A 214 -27.99 -15.98 -8.77
N GLN A 214 -28.01 -15.98 -8.77
CA GLN A 214 -27.81 -15.34 -10.07
CA GLN A 214 -27.80 -15.34 -10.08
C GLN A 214 -26.77 -16.13 -10.88
C GLN A 214 -26.78 -16.12 -10.89
N ARG A 215 -27.06 -16.31 -12.17
CA ARG A 215 -26.19 -17.10 -13.03
C ARG A 215 -25.00 -16.38 -13.69
N ARG A 216 -25.08 -15.06 -13.81
CA ARG A 216 -24.01 -14.28 -14.48
C ARG A 216 -22.68 -14.26 -13.71
N ILE A 217 -22.72 -14.56 -12.41
CA ILE A 217 -21.50 -14.64 -11.62
C ILE A 217 -21.33 -16.07 -11.12
N MET A 218 -20.10 -16.57 -11.17
CA MET A 218 -19.84 -17.93 -10.72
C MET A 218 -20.16 -18.12 -9.25
N THR A 219 -20.65 -19.32 -8.94
CA THR A 219 -20.87 -19.72 -7.58
C THR A 219 -19.49 -20.14 -7.06
N PRO A 220 -19.35 -20.32 -5.74
CA PRO A 220 -18.08 -20.80 -5.22
C PRO A 220 -17.62 -22.11 -5.88
N ALA A 221 -18.55 -23.05 -6.08
CA ALA A 221 -18.19 -24.32 -6.72
C ALA A 221 -17.67 -24.11 -8.14
N GLN A 222 -18.32 -23.22 -8.88
CA GLN A 222 -17.92 -22.96 -10.26
C GLN A 222 -16.54 -22.27 -10.29
N ALA A 223 -16.31 -21.36 -9.34
CA ALA A 223 -15.03 -20.63 -9.26
C ALA A 223 -13.87 -21.58 -8.92
N ILE A 224 -14.08 -22.46 -7.95
CA ILE A 224 -13.07 -23.45 -7.60
C ILE A 224 -12.82 -24.40 -8.77
N ALA A 225 -13.87 -24.83 -9.48
CA ALA A 225 -13.65 -25.72 -10.61
C ALA A 225 -12.85 -25.00 -11.69
N SER A 226 -13.07 -23.70 -11.82
CA SER A 226 -12.37 -22.88 -12.81
C SER A 226 -10.90 -22.62 -12.49
N GLY A 227 -10.45 -22.94 -11.28
CA GLY A 227 -9.06 -22.76 -10.91
C GLY A 227 -8.76 -21.93 -9.68
N SER A 228 -9.74 -21.19 -9.16
CA SER A 228 -9.51 -20.42 -7.94
C SER A 228 -9.07 -21.34 -6.81
N ASP A 229 -8.04 -20.93 -6.10
CA ASP A 229 -7.54 -21.68 -4.95
C ASP A 229 -8.15 -21.19 -3.65
N TYR A 230 -8.44 -19.89 -3.59
CA TYR A 230 -9.02 -19.24 -2.43
C TYR A 230 -10.08 -18.27 -2.89
N LEU A 231 -11.11 -18.09 -2.05
CA LEU A 231 -12.19 -17.15 -2.33
C LEU A 231 -12.24 -16.16 -1.18
N VAL A 232 -12.06 -14.88 -1.51
CA VAL A 232 -12.17 -13.80 -0.53
C VAL A 232 -13.64 -13.38 -0.52
N ILE A 233 -14.29 -13.51 0.63
CA ILE A 233 -15.71 -13.20 0.74
C ILE A 233 -15.88 -12.33 1.98
N GLY A 234 -16.66 -11.27 1.85
CA GLY A 234 -16.85 -10.33 2.96
C GLY A 234 -18.24 -10.28 3.57
N ARG A 235 -19.02 -9.29 3.15
CA ARG A 235 -20.32 -9.02 3.77
C ARG A 235 -21.31 -10.20 3.83
N PRO A 236 -21.33 -11.05 2.80
CA PRO A 236 -22.28 -12.15 2.90
C PRO A 236 -22.03 -13.00 4.16
N ILE A 237 -20.80 -13.02 4.65
CA ILE A 237 -20.47 -13.77 5.85
C ILE A 237 -20.49 -12.89 7.10
N THR A 238 -19.84 -11.74 7.02
CA THR A 238 -19.74 -10.86 8.17
C THR A 238 -21.10 -10.26 8.57
N GLN A 239 -22.06 -10.21 7.66
CA GLN A 239 -23.38 -9.69 7.99
C GLN A 239 -24.37 -10.79 8.41
N ALA A 240 -23.97 -12.06 8.32
CA ALA A 240 -24.84 -13.19 8.66
C ALA A 240 -25.19 -13.31 10.14
N ALA A 241 -26.39 -13.81 10.44
CA ALA A 241 -26.81 -14.04 11.82
C ALA A 241 -25.99 -15.18 12.41
N HIS A 242 -25.68 -16.14 11.53
CA HIS A 242 -24.91 -17.33 11.88
C HIS A 242 -23.84 -17.57 10.82
N PRO A 243 -22.78 -16.75 10.88
CA PRO A 243 -21.73 -16.87 9.89
C PRO A 243 -21.13 -18.26 9.87
N GLU A 244 -21.17 -18.96 11.01
N GLU A 244 -21.15 -18.97 11.00
CA GLU A 244 -20.64 -20.31 11.08
CA GLU A 244 -20.62 -20.34 11.05
C GLU A 244 -21.41 -21.27 10.16
C GLU A 244 -21.41 -21.26 10.12
N VAL A 245 -22.72 -21.05 10.04
CA VAL A 245 -23.56 -21.87 9.20
C VAL A 245 -23.27 -21.56 7.73
N VAL A 246 -23.14 -20.28 7.41
CA VAL A 246 -22.84 -19.86 6.05
C VAL A 246 -21.50 -20.45 5.58
N LEU A 247 -20.48 -20.40 6.43
CA LEU A 247 -19.19 -20.97 6.09
C LEU A 247 -19.28 -22.47 5.85
N GLU A 248 -19.96 -23.20 6.74
CA GLU A 248 -20.05 -24.65 6.53
C GLU A 248 -20.79 -24.97 5.23
N GLU A 249 -21.77 -24.16 4.86
CA GLU A 249 -22.50 -24.39 3.61
C GLU A 249 -21.60 -24.14 2.40
N ILE A 250 -20.84 -23.04 2.45
CA ILE A 250 -19.89 -22.78 1.37
C ILE A 250 -18.93 -23.93 1.29
N ASN A 251 -18.37 -24.29 2.45
CA ASN A 251 -17.35 -25.36 2.51
C ASN A 251 -17.84 -26.70 1.98
N SER A 252 -19.03 -27.11 2.39
N SER A 252 -19.03 -27.11 2.39
CA SER A 252 -19.60 -28.37 1.94
CA SER A 252 -19.60 -28.37 1.94
C SER A 252 -19.78 -28.41 0.42
C SER A 252 -19.77 -28.41 0.42
N SER A 253 -20.08 -27.26 -0.18
CA SER A 253 -20.30 -27.18 -1.63
C SER A 253 -19.01 -27.26 -2.45
N LEU A 254 -17.88 -26.93 -1.85
CA LEU A 254 -16.60 -26.92 -2.55
C LEU A 254 -15.96 -28.30 -2.66
N ASN B 26 5.95 27.25 13.06
CA ASN B 26 6.12 27.75 11.66
C ASN B 26 5.93 26.60 10.65
N ASP B 27 6.81 26.51 9.66
CA ASP B 27 6.65 25.49 8.63
C ASP B 27 7.99 24.84 8.32
N PRO B 28 8.42 23.89 9.17
CA PRO B 28 9.66 23.18 8.93
C PRO B 28 9.61 22.46 7.61
N LYS B 29 10.64 22.65 6.79
CA LYS B 29 10.68 22.08 5.44
C LYS B 29 11.30 20.70 5.38
N VAL B 30 12.08 20.33 6.38
CA VAL B 30 12.73 19.04 6.42
C VAL B 30 11.87 17.97 7.10
N ILE B 31 11.64 16.88 6.38
CA ILE B 31 10.92 15.72 6.88
C ILE B 31 11.96 14.62 7.01
N VAL B 32 12.24 14.19 8.24
CA VAL B 32 13.25 13.16 8.47
C VAL B 32 12.65 11.75 8.32
N ALA B 33 13.28 10.93 7.47
CA ALA B 33 12.84 9.57 7.24
C ALA B 33 13.25 8.65 8.37
N LEU B 34 12.26 8.00 8.98
CA LEU B 34 12.47 7.05 10.06
C LEU B 34 12.24 5.64 9.49
N ASP B 35 13.34 4.95 9.23
CA ASP B 35 13.34 3.63 8.65
C ASP B 35 14.09 2.65 9.55
N TYR B 36 13.67 2.57 10.80
CA TYR B 36 14.31 1.69 11.76
C TYR B 36 13.55 0.39 11.92
N ASP B 37 14.27 -0.71 12.07
CA ASP B 37 13.64 -2.01 12.35
C ASP B 37 13.53 -2.32 13.84
N ASN B 38 13.85 -1.32 14.67
N ASN B 38 13.89 -1.36 14.68
CA ASN B 38 13.90 -1.45 16.12
CA ASN B 38 13.78 -1.52 16.13
C ASN B 38 13.27 -0.19 16.75
C ASN B 38 13.28 -0.23 16.75
N LEU B 39 12.26 -0.38 17.59
CA LEU B 39 11.57 0.75 18.20
C LEU B 39 12.46 1.61 19.10
N ALA B 40 13.21 0.96 19.99
CA ALA B 40 14.10 1.67 20.90
C ALA B 40 15.11 2.56 20.17
N ASP B 41 15.72 2.04 19.10
CA ASP B 41 16.67 2.83 18.31
C ASP B 41 16.00 4.05 17.69
N ALA B 42 14.79 3.89 17.16
CA ALA B 42 14.09 5.02 16.55
C ALA B 42 13.79 6.09 17.59
N LEU B 43 13.32 5.68 18.76
CA LEU B 43 12.99 6.64 19.81
C LEU B 43 14.22 7.35 20.38
N ALA B 44 15.35 6.65 20.43
CA ALA B 44 16.59 7.26 20.89
C ALA B 44 16.98 8.37 19.89
N PHE B 45 16.68 8.15 18.62
CA PHE B 45 17.03 9.16 17.65
C PHE B 45 16.12 10.38 17.79
N VAL B 46 14.83 10.14 17.94
CA VAL B 46 13.86 11.21 18.03
C VAL B 46 14.12 12.06 19.28
N ASP B 47 14.65 11.42 20.33
CA ASP B 47 15.00 12.13 21.57
C ASP B 47 16.07 13.20 21.35
N LYS B 48 16.84 13.07 20.26
CA LYS B 48 17.92 14.00 19.99
C LYS B 48 17.49 15.27 19.26
N ILE B 49 16.31 15.26 18.64
CA ILE B 49 15.86 16.39 17.84
C ILE B 49 14.62 17.09 18.43
N ASP B 50 14.46 18.34 18.03
CA ASP B 50 13.40 19.24 18.51
C ASP B 50 12.28 19.25 17.48
N PRO B 51 11.03 19.02 17.92
CA PRO B 51 9.87 18.99 17.02
C PRO B 51 9.58 20.33 16.32
N SER B 52 10.22 21.42 16.74
CA SER B 52 10.02 22.68 16.08
C SER B 52 10.95 22.84 14.88
N THR B 53 11.90 21.92 14.71
CA THR B 53 12.91 22.03 13.66
C THR B 53 12.71 21.11 12.47
N CYS B 54 11.77 20.17 12.55
CA CYS B 54 11.60 19.22 11.46
C CYS B 54 10.29 18.47 11.63
N ARG B 55 9.98 17.65 10.64
CA ARG B 55 8.83 16.79 10.67
C ARG B 55 9.39 15.40 10.49
N LEU B 56 8.56 14.38 10.63
CA LEU B 56 9.03 12.99 10.54
C LEU B 56 8.23 12.16 9.54
N LYS B 57 8.90 11.22 8.89
CA LYS B 57 8.24 10.35 7.95
C LYS B 57 8.24 8.93 8.50
N VAL B 58 7.06 8.33 8.53
CA VAL B 58 6.89 6.94 8.93
C VAL B 58 6.40 6.20 7.71
N GLY B 59 7.18 5.23 7.26
CA GLY B 59 6.86 4.46 6.05
C GLY B 59 6.34 3.05 6.30
N LYS B 60 6.30 2.26 5.22
CA LYS B 60 5.76 0.90 5.29
C LYS B 60 6.52 0.00 6.24
N GLU B 61 7.84 0.18 6.36
CA GLU B 61 8.58 -0.68 7.26
C GLU B 61 8.21 -0.44 8.72
N MET B 62 8.37 0.80 9.20
CA MET B 62 8.05 1.06 10.60
C MET B 62 6.57 0.93 10.93
N PHE B 63 5.71 1.23 9.97
CA PHE B 63 4.29 1.12 10.26
C PHE B 63 3.90 -0.37 10.36
N THR B 64 4.41 -1.21 9.46
CA THR B 64 4.09 -2.63 9.49
C THR B 64 4.63 -3.27 10.76
N LEU B 65 5.79 -2.81 11.23
CA LEU B 65 6.37 -3.36 12.42
C LEU B 65 5.76 -2.83 13.73
N PHE B 66 5.46 -1.53 13.77
CA PHE B 66 5.07 -0.89 15.03
C PHE B 66 3.72 -0.16 15.05
N GLY B 67 3.10 -0.04 13.88
CA GLY B 67 1.74 0.48 13.74
C GLY B 67 1.41 1.86 14.25
N PRO B 68 0.11 2.12 14.45
CA PRO B 68 -0.33 3.43 14.86
C PRO B 68 0.14 3.87 16.23
N ASP B 69 0.44 2.94 17.13
CA ASP B 69 0.94 3.33 18.46
C ASP B 69 2.25 4.11 18.34
N PHE B 70 3.11 3.74 17.39
CA PHE B 70 4.36 4.45 17.20
C PHE B 70 4.09 5.89 16.71
N VAL B 71 3.16 6.03 15.75
CA VAL B 71 2.80 7.34 15.23
C VAL B 71 2.21 8.19 16.36
N ARG B 72 1.41 7.57 17.21
CA ARG B 72 0.83 8.33 18.35
C ARG B 72 1.90 8.81 19.34
N GLU B 73 2.96 8.02 19.50
CA GLU B 73 4.06 8.40 20.39
C GLU B 73 4.79 9.60 19.80
N LEU B 74 4.96 9.61 18.48
CA LEU B 74 5.59 10.74 17.82
C LEU B 74 4.74 12.01 18.00
N HIS B 75 3.41 11.87 17.93
CA HIS B 75 2.52 13.02 18.14
C HIS B 75 2.60 13.50 19.60
N LYS B 76 2.72 12.56 20.54
N LYS B 76 2.72 12.56 20.53
CA LYS B 76 2.83 12.92 21.94
CA LYS B 76 2.84 12.89 21.94
C LYS B 76 4.09 13.75 22.16
C LYS B 76 4.09 13.74 22.17
N ARG B 77 5.15 13.39 21.47
CA ARG B 77 6.42 14.12 21.54
C ARG B 77 6.41 15.45 20.78
N GLY B 78 5.28 15.78 20.16
CA GLY B 78 5.11 17.09 19.51
C GLY B 78 5.41 17.16 18.02
N PHE B 79 5.73 16.04 17.41
CA PHE B 79 6.07 16.01 16.00
C PHE B 79 4.92 15.83 15.02
N SER B 80 5.06 16.48 13.87
N SER B 80 5.05 16.49 13.88
CA SER B 80 4.13 16.31 12.78
CA SER B 80 4.11 16.31 12.79
C SER B 80 4.69 15.17 11.94
C SER B 80 4.68 15.16 11.97
N VAL B 81 3.79 14.34 11.42
CA VAL B 81 4.16 13.13 10.69
C VAL B 81 3.58 13.00 9.30
N PHE B 82 4.45 12.60 8.38
CA PHE B 82 4.11 12.23 7.02
C PHE B 82 4.04 10.69 7.04
N LEU B 83 2.82 10.17 6.94
CA LEU B 83 2.56 8.74 6.90
C LEU B 83 2.66 8.35 5.44
N ASP B 84 3.76 7.68 5.12
CA ASP B 84 4.16 7.33 3.74
C ASP B 84 3.85 5.87 3.46
N LEU B 85 2.56 5.56 3.32
CA LEU B 85 2.13 4.20 3.06
C LEU B 85 1.67 3.96 1.61
N LYS B 86 1.70 5.02 0.80
CA LYS B 86 1.41 4.91 -0.64
C LYS B 86 0.23 3.97 -0.93
N PHE B 87 -0.91 4.30 -0.34
CA PHE B 87 -2.11 3.49 -0.49
C PHE B 87 -2.47 3.36 -1.98
N HIS B 88 -2.89 2.17 -2.38
CA HIS B 88 -3.19 1.89 -3.77
C HIS B 88 -4.17 0.71 -3.79
N ASP B 89 -5.46 1.05 -3.84
CA ASP B 89 -6.50 0.05 -3.80
C ASP B 89 -7.74 0.60 -4.49
N ILE B 90 -8.82 -0.17 -4.48
CA ILE B 90 -10.06 0.29 -5.06
C ILE B 90 -10.51 1.55 -4.28
N PRO B 91 -11.30 2.43 -4.91
CA PRO B 91 -11.66 3.69 -4.25
C PRO B 91 -12.24 3.57 -2.84
N ASN B 92 -13.16 2.65 -2.61
CA ASN B 92 -13.75 2.50 -1.30
C ASN B 92 -12.70 2.18 -0.23
N THR B 93 -11.81 1.25 -0.55
CA THR B 93 -10.78 0.83 0.39
C THR B 93 -9.68 1.87 0.60
N CYS B 94 -9.20 2.46 -0.49
CA CYS B 94 -8.19 3.50 -0.37
C CYS B 94 -8.71 4.64 0.48
N SER B 95 -9.96 5.05 0.24
CA SER B 95 -10.56 6.16 0.99
C SER B 95 -10.72 5.85 2.48
N LYS B 96 -11.11 4.63 2.81
CA LYS B 96 -11.19 4.20 4.21
C LYS B 96 -9.80 4.20 4.91
N ALA B 97 -8.76 3.82 4.18
CA ALA B 97 -7.39 3.85 4.71
C ALA B 97 -6.94 5.31 4.98
N VAL B 98 -7.25 6.19 4.04
CA VAL B 98 -6.95 7.61 4.17
C VAL B 98 -7.75 8.20 5.37
N LYS B 99 -9.00 7.80 5.54
CA LYS B 99 -9.80 8.24 6.70
C LYS B 99 -9.13 7.74 7.98
N ALA B 100 -8.63 6.50 7.97
CA ALA B 100 -7.90 5.96 9.13
C ALA B 100 -6.66 6.81 9.44
N ALA B 101 -5.99 7.32 8.40
CA ALA B 101 -4.84 8.22 8.60
C ALA B 101 -5.29 9.54 9.27
N ALA B 102 -6.44 10.05 8.87
CA ALA B 102 -6.98 11.28 9.46
C ALA B 102 -7.40 11.04 10.93
N GLU B 103 -7.88 9.83 11.20
CA GLU B 103 -8.27 9.46 12.57
C GLU B 103 -7.04 9.43 13.47
N LEU B 104 -5.90 9.07 12.88
CA LEU B 104 -4.65 9.02 13.62
C LEU B 104 -4.10 10.46 13.81
N GLY B 105 -4.61 11.42 13.05
CA GLY B 105 -4.19 12.83 13.14
C GLY B 105 -2.90 13.18 12.39
N VAL B 106 -2.55 12.43 11.36
CA VAL B 106 -1.31 12.75 10.70
C VAL B 106 -1.39 14.02 9.88
N TRP B 107 -0.23 14.61 9.65
CA TRP B 107 -0.07 15.85 8.93
C TRP B 107 -0.13 15.67 7.41
N MET B 108 0.38 14.53 6.94
CA MET B 108 0.41 14.21 5.51
C MET B 108 0.29 12.70 5.29
N VAL B 109 -0.35 12.33 4.18
CA VAL B 109 -0.50 10.93 3.80
C VAL B 109 -0.49 10.87 2.28
N ASN B 110 0.04 9.79 1.73
CA ASN B 110 0.10 9.65 0.26
C ASN B 110 -0.61 8.44 -0.30
N VAL B 111 -0.89 8.52 -1.61
CA VAL B 111 -1.55 7.48 -2.39
C VAL B 111 -0.89 7.43 -3.75
N HIS B 112 -0.98 6.27 -4.39
CA HIS B 112 -0.47 6.12 -5.76
C HIS B 112 -1.41 6.77 -6.78
N ALA B 113 -0.91 7.74 -7.52
CA ALA B 113 -1.69 8.31 -8.61
C ALA B 113 -2.08 7.24 -9.62
N SER B 114 -1.29 6.16 -9.75
N SER B 114 -1.29 6.16 -9.73
CA SER B 114 -1.63 5.09 -10.67
CA SER B 114 -1.62 5.06 -10.64
C SER B 114 -2.86 4.27 -10.21
C SER B 114 -2.92 4.35 -10.26
N GLY B 115 -3.41 4.61 -9.05
CA GLY B 115 -4.67 4.03 -8.60
C GLY B 115 -5.83 4.70 -9.35
N GLY B 116 -5.55 5.82 -10.00
CA GLY B 116 -6.54 6.49 -10.83
C GLY B 116 -7.24 7.67 -10.19
N GLU B 117 -7.89 8.46 -11.04
CA GLU B 117 -8.55 9.66 -10.59
C GLU B 117 -9.67 9.40 -9.59
N ARG B 118 -10.48 8.38 -9.82
CA ARG B 118 -11.61 8.13 -8.92
C ARG B 118 -11.14 7.75 -7.52
N MET B 119 -10.10 6.93 -7.44
CA MET B 119 -9.52 6.54 -6.16
C MET B 119 -9.01 7.77 -5.39
N MET B 120 -8.28 8.63 -6.09
CA MET B 120 -7.77 9.84 -5.45
C MET B 120 -8.90 10.79 -5.03
N ALA B 121 -9.89 11.03 -5.91
CA ALA B 121 -10.97 11.95 -5.56
C ALA B 121 -11.77 11.45 -4.34
N ALA B 122 -11.98 10.14 -4.28
CA ALA B 122 -12.72 9.55 -3.17
C ALA B 122 -11.97 9.76 -1.87
N SER B 123 -10.64 9.71 -1.95
CA SER B 123 -9.79 9.92 -0.78
C SER B 123 -9.85 11.38 -0.32
N ARG B 124 -9.88 12.32 -1.26
CA ARG B 124 -10.02 13.72 -0.89
C ARG B 124 -11.38 13.96 -0.24
N GLU B 125 -12.43 13.43 -0.87
CA GLU B 125 -13.78 13.63 -0.35
C GLU B 125 -13.96 13.14 1.09
N ILE B 126 -13.38 12.00 1.42
CA ILE B 126 -13.55 11.43 2.74
C ILE B 126 -12.83 12.27 3.83
N LEU B 127 -11.88 13.10 3.40
CA LEU B 127 -11.12 13.97 4.31
C LEU B 127 -11.80 15.30 4.57
N GLU B 128 -12.79 15.62 3.74
CA GLU B 128 -13.49 16.89 3.78
C GLU B 128 -13.97 17.27 5.21
N PRO B 129 -14.63 16.34 5.93
CA PRO B 129 -15.13 16.71 7.28
C PRO B 129 -14.07 16.95 8.36
N TYR B 130 -12.82 16.56 8.10
CA TYR B 130 -11.73 16.73 9.07
C TYR B 130 -11.20 18.17 9.14
N GLY B 131 -11.76 19.03 8.31
CA GLY B 131 -11.44 20.45 8.34
C GLY B 131 -10.04 20.83 7.92
N LYS B 132 -9.64 22.03 8.30
N LYS B 132 -9.64 22.03 8.30
CA LYS B 132 -8.32 22.56 7.96
CA LYS B 132 -8.33 22.56 7.95
C LYS B 132 -7.19 21.72 8.55
C LYS B 132 -7.18 21.77 8.58
N GLU B 133 -7.47 20.99 9.62
CA GLU B 133 -6.46 20.16 10.26
C GLU B 133 -6.26 18.81 9.57
N ARG B 134 -7.04 18.54 8.52
CA ARG B 134 -6.96 17.26 7.80
C ARG B 134 -5.56 17.01 7.26
N PRO B 135 -5.22 15.74 7.05
CA PRO B 135 -3.92 15.46 6.46
C PRO B 135 -3.84 16.01 5.05
N LEU B 136 -2.67 16.54 4.69
CA LEU B 136 -2.42 16.92 3.32
C LEU B 136 -2.40 15.58 2.60
N LEU B 137 -2.98 15.54 1.40
CA LEU B 137 -3.11 14.31 0.59
C LEU B 137 -2.29 14.50 -0.68
N ILE B 138 -1.27 13.66 -0.80
CA ILE B 138 -0.22 13.79 -1.80
C ILE B 138 -0.18 12.57 -2.69
N GLY B 139 0.03 12.76 -3.98
CA GLY B 139 0.12 11.64 -4.89
C GLY B 139 1.56 11.19 -5.17
N VAL B 140 1.71 9.89 -5.37
CA VAL B 140 2.96 9.30 -5.82
C VAL B 140 2.83 9.09 -7.36
N THR B 141 3.82 9.53 -8.14
CA THR B 141 3.74 9.40 -9.59
C THR B 141 4.46 8.15 -10.06
N VAL B 142 5.71 8.30 -10.46
CA VAL B 142 6.52 7.18 -10.86
C VAL B 142 7.62 7.00 -9.82
N LEU B 143 7.67 5.83 -9.18
CA LEU B 143 8.68 5.54 -8.16
C LEU B 143 10.08 5.72 -8.72
N THR B 144 10.99 6.21 -7.89
N THR B 144 11.00 6.23 -7.91
CA THR B 144 12.39 6.47 -8.25
CA THR B 144 12.38 6.50 -8.34
C THR B 144 13.09 5.27 -8.88
C THR B 144 13.10 5.26 -8.90
N SER B 145 12.65 4.08 -8.48
CA SER B 145 13.21 2.83 -8.97
C SER B 145 12.91 2.51 -10.43
N MET B 146 11.93 3.21 -11.02
CA MET B 146 11.45 2.89 -12.34
C MET B 146 12.04 3.74 -13.44
N GLU B 147 12.82 3.07 -14.28
CA GLU B 147 13.40 3.66 -15.48
C GLU B 147 12.61 3.08 -16.67
N SER B 148 12.94 3.52 -17.89
N SER B 148 12.95 3.51 -17.89
CA SER B 148 12.24 3.07 -19.08
CA SER B 148 12.23 3.06 -19.09
C SER B 148 11.97 1.56 -19.14
C SER B 148 11.96 1.56 -19.12
N ALA B 149 13.00 0.75 -18.87
CA ALA B 149 12.85 -0.72 -18.95
C ALA B 149 11.86 -1.25 -17.93
N ASP B 150 11.87 -0.70 -16.73
CA ASP B 150 10.95 -1.14 -15.69
C ASP B 150 9.53 -0.79 -16.09
N LEU B 151 9.36 0.40 -16.66
CA LEU B 151 8.04 0.86 -17.11
C LEU B 151 7.50 0.01 -18.24
N GLN B 152 8.35 -0.36 -19.18
N GLN B 152 8.34 -0.38 -19.19
CA GLN B 152 7.92 -1.19 -20.29
CA GLN B 152 7.87 -1.20 -20.27
C GLN B 152 7.36 -2.50 -19.73
C GLN B 152 7.31 -2.49 -19.69
N GLY B 153 8.03 -3.05 -18.72
CA GLY B 153 7.61 -4.29 -18.08
C GLY B 153 6.22 -4.25 -17.46
N ILE B 154 5.79 -3.08 -16.99
CA ILE B 154 4.47 -2.94 -16.39
C ILE B 154 3.44 -2.32 -17.35
N GLY B 155 3.78 -2.26 -18.63
CA GLY B 155 2.82 -1.80 -19.65
C GLY B 155 2.80 -0.33 -20.01
N ILE B 156 3.80 0.42 -19.55
CA ILE B 156 3.93 1.84 -19.83
C ILE B 156 5.03 2.08 -20.86
N LEU B 157 4.68 2.67 -22.00
CA LEU B 157 5.64 2.94 -23.07
C LEU B 157 6.07 4.40 -23.15
N SER B 158 5.41 5.26 -22.38
CA SER B 158 5.76 6.68 -22.32
C SER B 158 7.10 6.93 -21.65
N ALA B 159 7.79 7.99 -22.07
CA ALA B 159 9.03 8.37 -21.42
C ALA B 159 8.68 8.61 -19.95
N PRO B 160 9.57 8.24 -19.03
CA PRO B 160 9.22 8.42 -17.62
C PRO B 160 8.85 9.87 -17.25
N GLN B 161 9.53 10.83 -17.85
CA GLN B 161 9.28 12.22 -17.51
C GLN B 161 7.88 12.63 -17.93
N ASP B 162 7.45 12.11 -19.06
CA ASP B 162 6.13 12.40 -19.61
C ASP B 162 5.05 11.73 -18.77
N HIS B 163 5.33 10.50 -18.34
CA HIS B 163 4.39 9.76 -17.46
C HIS B 163 4.24 10.46 -16.09
N VAL B 164 5.34 10.98 -15.54
CA VAL B 164 5.32 11.74 -14.30
C VAL B 164 4.38 12.94 -14.45
N LEU B 165 4.53 13.66 -15.55
CA LEU B 165 3.71 14.83 -15.79
C LEU B 165 2.23 14.43 -15.89
N ARG B 166 1.96 13.33 -16.60
CA ARG B 166 0.59 12.84 -16.75
C ARG B 166 -0.01 12.52 -15.38
N LEU B 167 0.74 11.79 -14.58
CA LEU B 167 0.22 11.37 -13.28
C LEU B 167 0.13 12.52 -12.28
N ALA B 168 1.06 13.48 -12.35
CA ALA B 168 0.99 14.65 -11.47
C ALA B 168 -0.24 15.50 -11.83
N THR B 169 -0.49 15.63 -13.14
CA THR B 169 -1.67 16.38 -13.62
C THR B 169 -2.96 15.66 -13.17
N LEU B 170 -2.96 14.33 -13.24
CA LEU B 170 -4.10 13.52 -12.81
C LEU B 170 -4.37 13.76 -11.31
N THR B 171 -3.30 13.88 -10.55
CA THR B 171 -3.37 14.12 -9.10
C THR B 171 -4.02 15.48 -8.83
N LYS B 172 -3.55 16.51 -9.53
N LYS B 172 -3.57 16.53 -9.53
CA LYS B 172 -4.13 17.85 -9.39
CA LYS B 172 -4.17 17.84 -9.33
C LYS B 172 -5.60 17.85 -9.83
C LYS B 172 -5.63 17.84 -9.81
N ASN B 173 -5.88 17.17 -10.93
CA ASN B 173 -7.25 17.05 -11.46
C ASN B 173 -8.20 16.47 -10.41
N ALA B 174 -7.71 15.49 -9.65
CA ALA B 174 -8.48 14.83 -8.58
C ALA B 174 -8.66 15.70 -7.30
N GLY B 175 -8.01 16.86 -7.29
CA GLY B 175 -8.15 17.82 -6.20
C GLY B 175 -7.18 17.60 -5.04
N LEU B 176 -6.13 16.83 -5.29
CA LEU B 176 -5.10 16.57 -4.28
C LEU B 176 -4.16 17.76 -4.07
N ASP B 177 -3.38 17.71 -3.00
CA ASP B 177 -2.60 18.87 -2.56
C ASP B 177 -1.21 19.01 -3.15
N GLY B 178 -0.72 17.95 -3.76
CA GLY B 178 0.61 17.93 -4.35
C GLY B 178 1.08 16.51 -4.66
N VAL B 179 2.36 16.39 -4.98
CA VAL B 179 2.96 15.11 -5.29
C VAL B 179 4.37 15.05 -4.73
N VAL B 180 4.86 13.82 -4.64
CA VAL B 180 6.25 13.53 -4.33
C VAL B 180 6.95 13.64 -5.70
N CYS B 181 8.08 14.33 -5.76
CA CYS B 181 8.79 14.47 -7.01
C CYS B 181 10.27 14.65 -6.73
N SER B 182 11.07 14.36 -7.75
CA SER B 182 12.49 14.49 -7.67
C SER B 182 12.99 15.92 -7.90
N ALA B 183 14.26 16.12 -7.54
CA ALA B 183 14.94 17.39 -7.77
C ALA B 183 14.93 17.73 -9.24
N GLN B 184 15.05 16.72 -10.11
CA GLN B 184 15.04 16.96 -11.57
C GLN B 184 13.67 17.41 -12.09
N GLU B 185 12.62 16.94 -11.43
CA GLU B 185 11.24 17.17 -11.88
C GLU B 185 10.62 18.44 -11.35
N ALA B 186 11.15 18.93 -10.23
CA ALA B 186 10.50 20.02 -9.48
C ALA B 186 10.14 21.31 -10.23
N SER B 187 11.11 21.97 -10.86
CA SER B 187 10.80 23.24 -11.51
C SER B 187 9.77 23.10 -12.61
N LEU B 188 9.89 22.05 -13.42
CA LEU B 188 8.94 21.85 -14.51
C LEU B 188 7.52 21.61 -13.97
N LEU B 189 7.39 20.80 -12.92
CA LEU B 189 6.07 20.52 -12.33
C LEU B 189 5.49 21.79 -11.70
N LYS B 190 6.32 22.55 -11.03
CA LYS B 190 5.88 23.79 -10.37
C LYS B 190 5.37 24.78 -11.41
N GLN B 191 6.09 24.91 -12.53
CA GLN B 191 5.71 25.81 -13.63
C GLN B 191 4.37 25.38 -14.25
N HIS B 192 4.23 24.09 -14.46
CA HIS B 192 3.05 23.57 -15.12
C HIS B 192 1.79 23.55 -14.27
N LEU B 193 1.96 23.10 -13.03
CA LEU B 193 0.83 22.89 -12.12
C LEU B 193 0.57 24.00 -11.11
N GLY B 194 1.49 24.95 -10.98
CA GLY B 194 1.24 26.08 -10.10
C GLY B 194 1.90 26.10 -8.74
N ARG B 195 2.03 27.32 -8.22
CA ARG B 195 2.70 27.56 -6.96
C ARG B 195 2.12 26.85 -5.75
N GLU B 196 0.79 26.73 -5.68
CA GLU B 196 0.18 26.14 -4.50
C GLU B 196 0.13 24.61 -4.47
N PHE B 197 0.49 23.97 -5.58
CA PHE B 197 0.53 22.51 -5.64
C PHE B 197 1.87 22.12 -5.00
N LYS B 198 1.80 21.38 -3.89
N LYS B 198 1.80 21.38 -3.89
CA LYS B 198 2.98 21.08 -3.10
CA LYS B 198 2.98 21.09 -3.10
C LYS B 198 3.86 20.00 -3.69
C LYS B 198 3.86 19.98 -3.65
N LEU B 199 5.18 20.21 -3.61
CA LEU B 199 6.16 19.25 -4.11
C LEU B 199 7.02 18.75 -2.95
N VAL B 200 6.95 17.45 -2.72
CA VAL B 200 7.67 16.80 -1.61
C VAL B 200 8.80 16.02 -2.26
N THR B 201 10.04 16.40 -1.93
CA THR B 201 11.22 15.89 -2.64
C THR B 201 12.26 15.16 -1.80
N PRO B 202 12.48 13.88 -2.12
CA PRO B 202 13.49 13.06 -1.46
C PRO B 202 14.83 13.14 -2.19
N GLY B 203 15.83 12.45 -1.63
CA GLY B 203 17.16 12.34 -2.24
C GLY B 203 18.09 13.54 -2.16
N ILE B 204 17.75 14.53 -1.34
CA ILE B 204 18.58 15.73 -1.21
C ILE B 204 19.65 15.53 -0.13
N ARG B 205 20.81 16.12 -0.35
CA ARG B 205 21.93 15.95 0.58
C ARG B 205 22.58 17.29 0.93
N PRO B 206 22.70 17.61 2.23
CA PRO B 206 23.36 18.85 2.58
C PRO B 206 24.81 18.78 2.15
N ALA B 207 25.36 19.86 1.55
CA ALA B 207 26.76 19.88 1.09
C ALA B 207 27.75 19.57 2.22
N GLN B 214 29.09 14.92 -3.62
CA GLN B 214 29.33 15.26 -5.03
C GLN B 214 28.33 16.27 -5.56
N ARG B 215 28.78 17.06 -6.53
CA ARG B 215 27.93 18.08 -7.13
C ARG B 215 26.75 17.51 -7.94
N ARG B 216 26.71 16.21 -8.20
CA ARG B 216 25.59 15.63 -8.96
C ARG B 216 24.25 15.66 -8.21
N ILE B 217 24.29 15.72 -6.88
CA ILE B 217 23.06 15.75 -6.07
C ILE B 217 22.79 17.14 -5.49
N MET B 218 21.56 17.63 -5.65
CA MET B 218 21.19 18.95 -5.13
C MET B 218 21.26 19.04 -3.60
N THR B 219 21.65 20.21 -3.13
CA THR B 219 21.65 20.52 -1.72
C THR B 219 20.25 20.99 -1.38
N PRO B 220 19.94 21.10 -0.08
CA PRO B 220 18.62 21.59 0.31
C PRO B 220 18.27 22.96 -0.30
N ALA B 221 19.20 23.90 -0.20
CA ALA B 221 18.97 25.24 -0.75
C ALA B 221 18.70 25.16 -2.27
N GLN B 222 19.45 24.31 -2.98
CA GLN B 222 19.24 24.16 -4.43
C GLN B 222 17.86 23.59 -4.75
N ALA B 223 17.39 22.64 -3.94
CA ALA B 223 16.10 21.99 -4.17
C ALA B 223 14.94 22.92 -3.87
N ILE B 224 15.01 23.64 -2.74
CA ILE B 224 13.96 24.59 -2.40
C ILE B 224 13.89 25.68 -3.48
N ALA B 225 15.04 26.14 -3.97
CA ALA B 225 15.08 27.16 -5.00
C ALA B 225 14.45 26.64 -6.29
N SER B 226 14.59 25.34 -6.53
CA SER B 226 14.06 24.71 -7.73
C SER B 226 12.57 24.48 -7.66
N GLY B 227 11.97 24.64 -6.48
CA GLY B 227 10.52 24.52 -6.35
C GLY B 227 10.00 23.52 -5.33
N SER B 228 10.90 22.75 -4.71
CA SER B 228 10.48 21.78 -3.70
C SER B 228 9.89 22.55 -2.51
N ASP B 229 8.79 22.05 -1.95
CA ASP B 229 8.18 22.66 -0.78
C ASP B 229 8.64 21.98 0.51
N TYR B 230 8.89 20.67 0.42
CA TYR B 230 9.38 19.88 1.54
C TYR B 230 10.49 18.97 1.07
N LEU B 231 11.42 18.67 1.96
CA LEU B 231 12.54 17.82 1.65
C LEU B 231 12.50 16.60 2.55
N VAL B 232 12.54 15.41 1.95
CA VAL B 232 12.63 14.18 2.73
C VAL B 232 14.10 13.76 2.78
N ILE B 233 14.65 13.76 3.99
CA ILE B 233 16.07 13.47 4.21
C ILE B 233 16.23 12.34 5.23
N GLY B 234 17.05 11.37 4.88
CA GLY B 234 17.24 10.19 5.74
C GLY B 234 18.58 10.10 6.45
N ARG B 235 19.44 9.25 5.92
CA ARG B 235 20.74 8.98 6.51
C ARG B 235 21.62 10.20 6.81
N PRO B 236 21.56 11.25 5.97
CA PRO B 236 22.40 12.39 6.30
C PRO B 236 22.08 12.99 7.67
N ILE B 237 20.86 12.76 8.13
CA ILE B 237 20.45 13.21 9.44
C ILE B 237 20.45 12.06 10.45
N THR B 238 19.84 10.93 10.12
CA THR B 238 19.76 9.83 11.08
C THR B 238 21.09 9.19 11.44
N GLN B 239 22.09 9.30 10.58
CA GLN B 239 23.39 8.71 10.86
C GLN B 239 24.39 9.74 11.37
N ALA B 240 23.93 10.97 11.60
CA ALA B 240 24.81 12.05 12.02
C ALA B 240 25.15 11.99 13.50
N ALA B 241 26.38 12.39 13.82
CA ALA B 241 26.84 12.43 15.22
C ALA B 241 25.99 13.43 16.00
N HIS B 242 25.59 14.51 15.34
CA HIS B 242 24.77 15.56 15.96
C HIS B 242 23.65 15.96 15.01
N PRO B 243 22.57 15.16 15.00
CA PRO B 243 21.50 15.42 14.05
C PRO B 243 20.84 16.77 14.22
N GLU B 244 20.76 17.28 15.45
CA GLU B 244 20.15 18.57 15.67
C GLU B 244 20.96 19.71 15.02
N VAL B 245 22.28 19.54 14.93
CA VAL B 245 23.15 20.53 14.27
C VAL B 245 22.96 20.46 12.75
N VAL B 246 22.84 19.27 12.19
CA VAL B 246 22.61 19.13 10.76
C VAL B 246 21.32 19.83 10.40
N LEU B 247 20.27 19.57 11.18
CA LEU B 247 18.97 20.23 10.94
C LEU B 247 19.08 21.74 11.03
N GLU B 248 19.75 22.23 12.07
N GLU B 248 19.76 22.24 12.06
CA GLU B 248 19.90 23.68 12.25
CA GLU B 248 19.93 23.68 12.26
C GLU B 248 20.64 24.31 11.08
C GLU B 248 20.63 24.30 11.06
N GLU B 249 21.65 23.61 10.57
CA GLU B 249 22.43 24.10 9.43
C GLU B 249 21.59 24.12 8.15
N ILE B 250 20.81 23.06 7.94
CA ILE B 250 19.93 23.00 6.77
C ILE B 250 18.90 24.14 6.84
N ASN B 251 18.24 24.26 7.98
CA ASN B 251 17.23 25.30 8.18
C ASN B 251 17.77 26.71 7.99
N SER B 252 18.97 26.99 8.49
N SER B 252 18.97 26.97 8.50
CA SER B 252 19.56 28.31 8.34
CA SER B 252 19.59 28.29 8.34
C SER B 252 19.96 28.59 6.88
C SER B 252 19.93 28.58 6.88
N SER B 253 20.30 27.54 6.13
CA SER B 253 20.68 27.70 4.71
C SER B 253 19.48 28.01 3.81
N LEU B 254 18.27 27.81 4.31
CA LEU B 254 17.06 28.05 3.50
C LEU B 254 16.52 29.45 3.70
N VAL B 255 17.17 30.21 4.58
CA VAL B 255 16.80 31.59 4.90
C VAL B 255 15.60 31.62 5.82
MG MG C . -17.04 -21.85 17.10
CL CL D . 15.48 0.37 -4.00
CL CL E . -17.03 -21.44 11.60
CL CL F . -14.66 0.95 -4.85
CL CL G . 9.00 -0.71 -25.29
#